data_1XHP
#
_entry.id   1XHP
#
_entity_poly.entity_id   1
_entity_poly.type   'polyribonucleotide'
_entity_poly.pdbx_seq_one_letter_code
;GAGCAGUUCCCCUGCAUAAGGAUGAACCGUUC
;
_entity_poly.pdbx_strand_id   A
#